data_4AZO
#
_entry.id   4AZO
#
_cell.length_a   79.320
_cell.length_b   79.320
_cell.length_c   82.320
_cell.angle_alpha   90.00
_cell.angle_beta   90.00
_cell.angle_gamma   120.00
#
_symmetry.space_group_name_H-M   'P 64 2 2'
#
loop_
_entity.id
_entity.type
_entity.pdbx_description
1 polymer 'FATTY ACID-BINDING PROTEIN, EPIDERMAL'
2 non-polymer 'CHLORIDE ION'
3 water water
#
_entity_poly.entity_id   1
_entity_poly.type   'polypeptide(L)'
_entity_poly.pdbx_seq_one_letter_code
;GSHMASLKDLEGKWRLMESHGFEEYMKELGVGLALRKMAAMAKPDCIITCDGNNITVKTESTVKTTVFSCNLGEKFEETT
ADGRKTETVCTFQDGALVQHQQWDGKESTITRKLKDGKMIVECVMNNATCTRVYEKVQ
;
_entity_poly.pdbx_strand_id   A
#
loop_
_chem_comp.id
_chem_comp.type
_chem_comp.name
_chem_comp.formula
CL non-polymer 'CHLORIDE ION' 'Cl -1'
#
# COMPACT_ATOMS: atom_id res chain seq x y z
N HIS A 3 -15.71 -17.69 -5.06
CA HIS A 3 -14.33 -17.54 -5.61
C HIS A 3 -13.45 -16.53 -4.82
N MET A 4 -12.64 -17.06 -3.90
CA MET A 4 -11.65 -16.28 -3.15
C MET A 4 -10.47 -15.82 -4.02
N ALA A 5 -9.96 -14.61 -3.76
CA ALA A 5 -8.83 -14.04 -4.52
C ALA A 5 -7.53 -14.83 -4.39
N SER A 6 -6.63 -14.61 -5.34
CA SER A 6 -5.29 -15.17 -5.33
C SER A 6 -4.29 -14.01 -5.31
N LEU A 7 -3.00 -14.30 -5.15
CA LEU A 7 -1.96 -13.28 -5.18
C LEU A 7 -1.74 -12.70 -6.59
N LYS A 8 -1.83 -13.57 -7.60
CA LYS A 8 -1.73 -13.22 -9.02
C LYS A 8 -2.83 -12.27 -9.48
N ASP A 9 -4.02 -12.40 -8.88
CA ASP A 9 -5.13 -11.49 -9.14
C ASP A 9 -4.81 -10.03 -8.85
N LEU A 10 -3.77 -9.77 -8.06
CA LEU A 10 -3.36 -8.38 -7.75
C LEU A 10 -2.41 -7.79 -8.81
N GLU A 11 -1.90 -8.63 -9.69
CA GLU A 11 -0.93 -8.21 -10.69
C GLU A 11 -1.58 -7.23 -11.68
N GLY A 12 -0.88 -6.15 -11.98
CA GLY A 12 -1.37 -5.15 -12.93
C GLY A 12 -1.03 -3.70 -12.59
N LYS A 13 -1.37 -2.80 -13.52
CA LYS A 13 -1.36 -1.34 -13.30
C LYS A 13 -2.72 -0.90 -12.80
N TRP A 14 -2.72 -0.23 -11.67
CA TRP A 14 -3.92 0.17 -10.95
C TRP A 14 -3.89 1.67 -10.83
N ARG A 15 -5.04 2.31 -11.08
CA ARG A 15 -5.17 3.75 -10.96
CA ARG A 15 -5.20 3.75 -10.99
C ARG A 15 -6.10 4.08 -9.79
N LEU A 16 -5.68 4.99 -8.92
CA LEU A 16 -6.48 5.40 -7.77
C LEU A 16 -7.78 6.02 -8.25
N MET A 17 -8.91 5.63 -7.66
CA MET A 17 -10.19 6.21 -8.03
C MET A 17 -10.94 6.88 -6.89
N GLU A 18 -10.72 6.39 -5.67
CA GLU A 18 -11.44 6.91 -4.50
C GLU A 18 -10.56 6.86 -3.28
N SER A 19 -10.73 7.83 -2.38
CA SER A 19 -9.93 7.90 -1.15
C SER A 19 -10.72 8.41 0.05
N HIS A 20 -10.77 7.61 1.12
CA HIS A 20 -11.40 8.03 2.37
C HIS A 20 -10.43 7.89 3.54
N GLY A 21 -10.28 8.99 4.28
CA GLY A 21 -9.53 9.02 5.53
C GLY A 21 -8.03 9.05 5.34
N PHE A 22 -7.60 9.43 4.14
CA PHE A 22 -6.17 9.38 3.81
C PHE A 22 -5.32 10.39 4.59
N GLU A 23 -5.81 11.63 4.65
CA GLU A 23 -5.19 12.72 5.42
C GLU A 23 -4.94 12.29 6.85
N GLU A 24 -5.99 11.78 7.50
CA GLU A 24 -5.93 11.34 8.90
C GLU A 24 -4.95 10.18 9.11
N TYR A 25 -4.84 9.31 8.11
CA TYR A 25 -3.84 8.24 8.18
C TYR A 25 -2.41 8.81 8.08
N MET A 26 -2.18 9.69 7.10
CA MET A 26 -0.84 10.27 6.95
C MET A 26 -0.47 11.11 8.18
N LYS A 27 -1.49 11.67 8.82
CA LYS A 27 -1.35 12.44 10.07
C LYS A 27 -0.80 11.52 11.15
N GLU A 28 -1.46 10.38 11.32
CA GLU A 28 -1.09 9.41 12.32
C GLU A 28 0.33 8.92 12.10
N LEU A 29 0.75 8.82 10.84
CA LEU A 29 2.13 8.44 10.50
C LEU A 29 3.16 9.53 10.79
N GLY A 30 2.72 10.79 10.83
CA GLY A 30 3.64 11.90 11.07
C GLY A 30 4.07 12.64 9.81
N VAL A 31 3.29 12.51 8.75
CA VAL A 31 3.56 13.25 7.51
C VAL A 31 3.09 14.70 7.65
N GLY A 32 4.02 15.64 7.44
CA GLY A 32 3.71 17.08 7.49
C GLY A 32 2.64 17.53 6.51
N LEU A 33 1.97 18.63 6.83
CA LEU A 33 0.91 19.19 5.98
C LEU A 33 1.31 19.25 4.49
N ALA A 34 2.47 19.86 4.20
CA ALA A 34 3.02 19.95 2.83
C ALA A 34 2.95 18.63 2.03
N LEU A 35 3.55 17.58 2.57
CA LEU A 35 3.65 16.30 1.90
C LEU A 35 2.27 15.63 1.77
N ARG A 36 1.43 15.91 2.76
CA ARG A 36 0.04 15.43 2.85
C ARG A 36 -0.84 15.95 1.74
N LYS A 37 -0.79 17.27 1.49
CA LYS A 37 -1.59 17.87 0.41
C LYS A 37 -1.01 17.48 -0.95
N MET A 38 0.27 17.13 -0.97
CA MET A 38 0.98 16.70 -2.17
C MET A 38 0.63 15.26 -2.50
N ALA A 39 0.55 14.43 -1.47
CA ALA A 39 0.16 13.05 -1.67
C ALA A 39 -1.32 12.96 -2.07
N ALA A 40 -2.16 13.83 -1.50
CA ALA A 40 -3.60 13.77 -1.71
C ALA A 40 -3.99 14.26 -3.09
N MET A 41 -3.25 15.23 -3.61
CA MET A 41 -3.48 15.76 -4.97
C MET A 41 -3.14 14.75 -6.07
N ALA A 42 -2.16 13.88 -5.78
CA ALA A 42 -1.77 12.80 -6.69
C ALA A 42 -2.88 11.75 -6.85
N LYS A 43 -2.97 11.21 -8.05
CA LYS A 43 -3.79 10.05 -8.34
C LYS A 43 -2.73 9.06 -8.85
N PRO A 44 -2.03 8.35 -7.94
CA PRO A 44 -1.00 7.44 -8.43
C PRO A 44 -1.43 6.29 -9.34
N ASP A 45 -0.41 5.66 -9.92
CA ASP A 45 -0.47 4.30 -10.40
C ASP A 45 0.19 3.44 -9.33
N CYS A 46 -0.38 2.27 -9.12
CA CYS A 46 0.24 1.24 -8.31
C CYS A 46 0.43 0.09 -9.27
N ILE A 47 1.68 -0.24 -9.57
CA ILE A 47 1.95 -1.41 -10.41
C ILE A 47 2.41 -2.53 -9.47
N ILE A 48 1.78 -3.68 -9.60
CA ILE A 48 2.09 -4.84 -8.79
C ILE A 48 2.44 -5.97 -9.74
N THR A 49 3.53 -6.67 -9.44
CA THR A 49 3.91 -7.89 -10.15
C THR A 49 4.17 -9.01 -9.15
N CYS A 50 3.74 -10.21 -9.50
CA CYS A 50 3.85 -11.36 -8.63
C CYS A 50 4.57 -12.46 -9.37
N ASP A 51 5.89 -12.52 -9.18
CA ASP A 51 6.71 -13.58 -9.77
C ASP A 51 6.82 -14.73 -8.73
N GLY A 52 5.80 -15.58 -8.71
CA GLY A 52 5.67 -16.63 -7.71
C GLY A 52 5.32 -15.97 -6.39
N ASN A 53 6.09 -16.24 -5.35
CA ASN A 53 5.90 -15.51 -4.08
C ASN A 53 6.83 -14.29 -3.92
N ASN A 54 7.45 -13.89 -5.02
CA ASN A 54 8.26 -12.68 -5.13
C ASN A 54 7.36 -11.51 -5.55
N ILE A 55 7.08 -10.61 -4.62
CA ILE A 55 6.10 -9.55 -4.89
C ILE A 55 6.77 -8.19 -4.95
N THR A 56 6.51 -7.47 -6.05
CA THR A 56 7.01 -6.11 -6.27
C THR A 56 5.85 -5.14 -6.38
N VAL A 57 5.95 -4.04 -5.65
CA VAL A 57 4.89 -3.04 -5.67
C VAL A 57 5.57 -1.74 -5.96
N LYS A 58 5.24 -1.19 -7.14
CA LYS A 58 5.80 0.07 -7.62
C LYS A 58 4.70 1.12 -7.51
N THR A 59 4.98 2.18 -6.78
CA THR A 59 4.06 3.28 -6.56
C THR A 59 4.59 4.45 -7.38
N GLU A 60 3.81 4.86 -8.37
CA GLU A 60 4.23 5.81 -9.40
C GLU A 60 3.45 7.12 -9.33
N SER A 61 4.14 8.25 -9.18
CA SER A 61 3.50 9.54 -9.29
C SER A 61 4.45 10.53 -9.99
N THR A 62 3.99 11.75 -10.18
CA THR A 62 4.82 12.76 -10.83
C THR A 62 5.74 13.39 -9.80
N VAL A 63 5.54 13.03 -8.53
CA VAL A 63 6.31 13.58 -7.42
C VAL A 63 7.46 12.64 -7.05
N LYS A 64 7.09 11.39 -6.79
CA LYS A 64 8.01 10.35 -6.33
C LYS A 64 7.60 9.01 -6.91
N THR A 65 8.58 8.17 -7.25
CA THR A 65 8.31 6.76 -7.53
C THR A 65 9.02 5.89 -6.49
N THR A 66 8.25 4.97 -5.93
CA THR A 66 8.64 4.17 -4.79
C THR A 66 8.44 2.72 -5.19
N VAL A 67 9.43 1.89 -4.91
CA VAL A 67 9.32 0.49 -5.25
C VAL A 67 9.95 -0.41 -4.19
N PHE A 68 9.20 -1.43 -3.77
CA PHE A 68 9.81 -2.47 -2.97
C PHE A 68 9.55 -3.80 -3.62
N SER A 69 10.45 -4.74 -3.37
CA SER A 69 10.35 -6.08 -3.85
C SER A 69 10.67 -7.00 -2.69
N CYS A 70 9.82 -7.99 -2.45
CA CYS A 70 9.98 -8.84 -1.29
C CYS A 70 9.61 -10.23 -1.68
N ASN A 71 9.91 -11.18 -0.79
CA ASN A 71 9.36 -12.52 -0.89
C ASN A 71 8.31 -12.65 0.19
N LEU A 72 7.17 -13.21 -0.16
CA LEU A 72 6.09 -13.36 0.83
C LEU A 72 6.62 -14.02 2.10
N GLY A 73 6.30 -13.44 3.25
CA GLY A 73 6.67 -13.98 4.57
C GLY A 73 8.08 -13.76 5.07
N GLU A 74 8.94 -13.13 4.28
CA GLU A 74 10.30 -12.81 4.73
C GLU A 74 10.34 -11.35 5.10
N LYS A 75 10.70 -11.07 6.34
CA LYS A 75 10.86 -9.71 6.82
C LYS A 75 11.92 -8.98 5.99
N PHE A 76 11.66 -7.71 5.66
CA PHE A 76 12.62 -6.88 4.91
C PHE A 76 12.59 -5.44 5.39
N GLU A 77 13.59 -4.68 4.94
CA GLU A 77 13.75 -3.28 5.30
C GLU A 77 13.06 -2.43 4.25
N GLU A 78 12.11 -1.60 4.65
CA GLU A 78 11.47 -0.75 3.67
C GLU A 78 11.71 0.70 3.99
N THR A 79 11.99 1.50 2.96
CA THR A 79 11.98 2.95 3.05
C THR A 79 10.68 3.42 2.39
N THR A 80 9.79 4.00 3.19
CA THR A 80 8.44 4.34 2.72
C THR A 80 8.48 5.62 1.93
N ALA A 81 7.43 5.87 1.16
CA ALA A 81 7.36 7.08 0.33
C ALA A 81 7.53 8.35 1.17
N ASP A 82 7.02 8.35 2.40
CA ASP A 82 7.22 9.48 3.33
C ASP A 82 8.57 9.43 4.04
N GLY A 83 9.38 8.42 3.73
CA GLY A 83 10.77 8.39 4.22
C GLY A 83 11.02 7.70 5.55
N ARG A 84 10.08 6.88 6.00
CA ARG A 84 10.27 6.08 7.19
C ARG A 84 11.12 4.87 6.86
N LYS A 85 12.01 4.51 7.78
CA LYS A 85 12.72 3.25 7.71
C LYS A 85 11.95 2.23 8.56
N THR A 86 11.39 1.20 7.93
CA THR A 86 10.61 0.25 8.70
C THR A 86 11.05 -1.19 8.44
N GLU A 87 10.70 -2.07 9.37
CA GLU A 87 10.79 -3.53 9.16
C GLU A 87 9.42 -4.01 8.71
N THR A 88 9.35 -4.64 7.54
CA THR A 88 8.09 -5.00 6.93
C THR A 88 8.00 -6.52 6.61
N VAL A 89 6.79 -7.09 6.70
CA VAL A 89 6.50 -8.45 6.24
C VAL A 89 5.19 -8.46 5.44
N CYS A 90 5.24 -9.00 4.23
CA CYS A 90 4.03 -9.21 3.47
C CYS A 90 3.56 -10.64 3.64
N THR A 91 2.28 -10.78 3.92
CA THR A 91 1.65 -12.10 3.95
C THR A 91 0.40 -12.08 3.07
N PHE A 92 -0.05 -13.29 2.74
CA PHE A 92 -1.27 -13.48 2.02
C PHE A 92 -2.29 -14.19 2.92
N GLN A 93 -3.34 -13.46 3.29
CA GLN A 93 -4.34 -13.91 4.25
C GLN A 93 -5.78 -13.64 3.74
N ASP A 94 -6.53 -14.72 3.49
CA ASP A 94 -7.94 -14.62 3.14
C ASP A 94 -8.16 -13.75 1.89
N GLY A 95 -7.37 -14.00 0.85
CA GLY A 95 -7.51 -13.28 -0.40
C GLY A 95 -6.95 -11.87 -0.39
N ALA A 96 -6.16 -11.52 0.64
CA ALA A 96 -5.63 -10.17 0.80
C ALA A 96 -4.12 -10.19 0.95
N LEU A 97 -3.45 -9.24 0.32
CA LEU A 97 -2.04 -9.06 0.58
C LEU A 97 -1.95 -8.12 1.78
N VAL A 98 -1.29 -8.60 2.82
CA VAL A 98 -1.22 -7.86 4.05
C VAL A 98 0.21 -7.41 4.25
N GLN A 99 0.41 -6.10 4.39
CA GLN A 99 1.76 -5.54 4.54
C GLN A 99 1.88 -4.92 5.91
N HIS A 100 2.68 -5.53 6.76
CA HIS A 100 2.86 -5.08 8.13
C HIS A 100 4.17 -4.34 8.25
N GLN A 101 4.10 -3.10 8.76
CA GLN A 101 5.29 -2.30 9.02
C GLN A 101 5.43 -2.01 10.49
N GLN A 102 6.65 -2.18 10.97
CA GLN A 102 7.07 -1.76 12.31
C GLN A 102 8.25 -0.79 12.25
N TRP A 103 8.22 0.25 13.08
CA TRP A 103 9.33 1.18 13.23
C TRP A 103 9.13 1.98 14.49
N ASP A 104 10.18 2.11 15.29
CA ASP A 104 10.14 2.90 16.53
C ASP A 104 9.07 2.39 17.50
N GLY A 105 8.81 1.09 17.47
CA GLY A 105 7.74 0.52 18.29
C GLY A 105 6.34 0.96 17.87
N LYS A 106 6.21 1.57 16.70
CA LYS A 106 4.92 1.87 16.10
C LYS A 106 4.62 0.80 15.06
N GLU A 107 3.36 0.63 14.70
CA GLU A 107 3.00 -0.33 13.65
C GLU A 107 1.82 0.11 12.78
N SER A 108 1.89 -0.26 11.51
CA SER A 108 0.83 0.05 10.59
C SER A 108 0.65 -1.15 9.69
N THR A 109 -0.59 -1.37 9.25
CA THR A 109 -0.91 -2.44 8.33
C THR A 109 -1.56 -1.82 7.08
N ILE A 110 -1.05 -2.21 5.92
CA ILE A 110 -1.70 -1.94 4.65
C ILE A 110 -2.20 -3.27 4.07
N THR A 111 -3.50 -3.34 3.81
CA THR A 111 -4.13 -4.52 3.26
C THR A 111 -4.61 -4.20 1.84
N ARG A 112 -4.26 -5.04 0.86
CA ARG A 112 -4.69 -4.87 -0.53
C ARG A 112 -5.49 -6.08 -0.95
N LYS A 113 -6.77 -5.89 -1.24
CA LYS A 113 -7.58 -7.02 -1.67
C LYS A 113 -8.44 -6.72 -2.89
N LEU A 114 -8.73 -7.77 -3.64
CA LEU A 114 -9.59 -7.65 -4.79
C LEU A 114 -11.06 -7.78 -4.36
N LYS A 115 -11.86 -6.76 -4.68
CA LYS A 115 -13.28 -6.73 -4.36
C LYS A 115 -14.04 -6.21 -5.56
N ASP A 116 -14.79 -7.10 -6.20
CA ASP A 116 -15.65 -6.72 -7.30
C ASP A 116 -14.84 -6.08 -8.44
N GLY A 117 -13.72 -6.72 -8.77
CA GLY A 117 -12.84 -6.25 -9.82
C GLY A 117 -11.96 -5.06 -9.42
N LYS A 118 -12.20 -4.49 -8.25
CA LYS A 118 -11.39 -3.34 -7.81
C LYS A 118 -10.35 -3.74 -6.78
N MET A 119 -9.27 -2.99 -6.68
CA MET A 119 -8.35 -3.28 -5.63
C MET A 119 -8.65 -2.30 -4.52
N ILE A 120 -8.98 -2.83 -3.34
CA ILE A 120 -9.29 -2.04 -2.16
C ILE A 120 -8.02 -2.05 -1.29
N VAL A 121 -7.51 -0.86 -0.97
CA VAL A 121 -6.36 -0.69 -0.09
C VAL A 121 -6.85 -0.12 1.24
N GLU A 122 -6.74 -0.93 2.31
CA GLU A 122 -7.04 -0.50 3.68
C GLU A 122 -5.76 -0.26 4.47
N CYS A 123 -5.63 0.93 5.04
CA CYS A 123 -4.46 1.32 5.82
C CYS A 123 -4.90 1.61 7.25
N VAL A 124 -4.29 0.92 8.21
CA VAL A 124 -4.62 1.11 9.61
C VAL A 124 -3.38 1.50 10.40
N MET A 125 -3.46 2.63 11.07
CA MET A 125 -2.49 2.93 12.11
C MET A 125 -3.23 3.42 13.32
N ASN A 126 -3.10 2.69 14.43
CA ASN A 126 -3.80 3.01 15.66
C ASN A 126 -5.31 3.15 15.39
N ASN A 127 -5.91 4.27 15.81
CA ASN A 127 -7.33 4.54 15.59
C ASN A 127 -7.64 5.12 14.23
N ALA A 128 -6.61 5.28 13.39
CA ALA A 128 -6.78 5.92 12.09
C ALA A 128 -6.82 4.90 10.96
N THR A 129 -7.92 4.92 10.22
CA THR A 129 -8.13 3.99 9.12
C THR A 129 -8.42 4.76 7.83
N CYS A 130 -8.07 4.13 6.72
CA CYS A 130 -8.17 4.75 5.43
C CYS A 130 -8.42 3.70 4.37
N THR A 131 -9.38 3.98 3.49
CA THR A 131 -9.71 3.08 2.38
C THR A 131 -9.45 3.80 1.06
N ARG A 132 -8.57 3.21 0.25
CA ARG A 132 -8.36 3.69 -1.10
C ARG A 132 -8.90 2.66 -2.09
N VAL A 133 -9.43 3.12 -3.21
CA VAL A 133 -9.97 2.19 -4.21
C VAL A 133 -9.28 2.42 -5.56
N TYR A 134 -8.74 1.34 -6.11
CA TYR A 134 -8.01 1.38 -7.38
C TYR A 134 -8.74 0.53 -8.42
N GLU A 135 -8.75 1.00 -9.66
CA GLU A 135 -9.22 0.22 -10.82
C GLU A 135 -8.08 -0.15 -11.79
N LYS A 136 -8.29 -1.23 -12.53
CA LYS A 136 -7.29 -1.84 -13.43
C LYS A 136 -7.11 -0.94 -14.65
N VAL A 137 -5.88 -0.56 -14.96
CA VAL A 137 -5.65 0.17 -16.21
C VAL A 137 -5.70 -0.75 -17.42
CL CL B . 13.02 0.33 -0.39
#